data_2Y1J
#
_entry.id   2Y1J
#
_cell.length_a   88.525
_cell.length_b   93.382
_cell.length_c   105.773
_cell.angle_alpha   90.00
_cell.angle_beta   90.00
_cell.angle_gamma   90.00
#
_symmetry.space_group_name_H-M   'P 21 21 21'
#
loop_
_entity.id
_entity.type
_entity.pdbx_description
1 polymer 'DNA POLYMERASE I'
2 polymer "5'-D(*GP*AP*CP*CP*AP*AP*CP*CP*CP*TP)-3'"
3 polymer "5'-D(*AP*GP*GP*GP*QBTP*THM*GP*GP*TP*CP)-3'"
4 non-polymer 'SULFATE ION'
5 water water
#
loop_
_entity_poly.entity_id
_entity_poly.type
_entity_poly.pdbx_seq_one_letter_code
_entity_poly.pdbx_strand_id
1 'polypeptide(L)'
;AKMAFTLADRVTEEMLADKAALVVEVVEENYHDAPIVGIAVVNEHGRFFLRPESALADPQFVAWLGDETKKKSMFDSKRA
AVALKWKGIELCGVSFDLLLAAYLLDPAQGVDDVAAAAKMKQYEAVRPDEAVYGKGAKRAVPDEPVLAEHLVRKAAAIWA
LERPFLDELRRNEQDRLLVELEQPLSSILAEMEFAGVKVDTKRLEQMGKELAEQLRTVEQRIYELAGQEFNINSPKQLGV
ILFEKLQLPVLKKTKTGYSTSADVLEKLAPYHEIVENILHYRQLGKLQSTYIEGLLKVVRPDTKKVHTIFNQALTQTGRL
SSTEPNLQNIPIRLEEGRKIRQAFVPSESDWLIFAADYSQIELRVLAHIAEDDNLMEAFRRDLDIHTKTAMDIFQVSEDE
VTPNMRRQAKAVNKGIVYGISDYGLAQNLNISRKEAAEFIERYFESFPGVKRYMENIVQEAKQKGYVTTLLHRRRYLPDI
TSRNFNVRSFAERMAMNTPIQGSAADIIKKAMIDLNARLKEERLQARLLLQVHDELILEAPKEEMERLCRLVPEVMEQAV
TLRVPLKVDYHYGSTWYDAK
;
A
2 'polydeoxyribonucleotide' (DG)(DA)(DC)(DC)(DA)(DA)(DC)(DC)(DC)(DT) B
3 'polydeoxyribonucleotide' (DA)(DG)(DG)(DG)(QBT)(THM)(DG)(DG)(DT)(DC) C
#
# COMPACT_ATOMS: atom_id res chain seq x y z
N ALA A 1 34.21 20.11 6.34
CA ALA A 1 34.13 20.30 7.82
C ALA A 1 33.89 18.95 8.55
N LYS A 2 34.82 18.01 8.39
CA LYS A 2 34.70 16.63 8.90
C LYS A 2 34.13 16.57 10.33
N MET A 3 33.29 15.55 10.60
CA MET A 3 32.66 15.33 11.90
C MET A 3 33.51 14.31 12.57
N ALA A 4 33.77 14.45 13.85
CA ALA A 4 34.73 13.59 14.53
C ALA A 4 34.12 12.21 14.82
N PHE A 5 34.87 11.15 14.49
CA PHE A 5 34.46 9.79 14.80
C PHE A 5 35.62 8.80 14.80
N THR A 6 35.42 7.71 15.50
CA THR A 6 36.36 6.61 15.49
C THR A 6 36.04 5.58 14.40
N LEU A 7 36.98 5.45 13.48
CA LEU A 7 36.89 4.44 12.47
C LEU A 7 37.48 3.21 13.12
N ALA A 8 36.61 2.41 13.74
CA ALA A 8 37.02 1.29 14.55
C ALA A 8 37.38 0.06 13.70
N ASP A 9 38.40 -0.68 14.16
CA ASP A 9 38.82 -1.97 13.60
C ASP A 9 38.26 -3.14 14.37
N ARG A 10 37.97 -2.93 15.64
CA ARG A 10 37.35 -3.94 16.47
C ARG A 10 36.18 -3.34 17.23
N VAL A 11 35.23 -4.18 17.60
CA VAL A 11 34.10 -3.78 18.44
C VAL A 11 34.61 -3.68 19.86
N THR A 12 34.25 -2.60 20.56
CA THR A 12 34.56 -2.44 21.99
C THR A 12 33.27 -2.25 22.80
N GLU A 13 33.40 -2.40 24.12
CA GLU A 13 32.25 -2.28 25.03
C GLU A 13 31.53 -0.91 25.00
N GLU A 14 32.26 0.16 24.72
CA GLU A 14 31.64 1.48 24.78
C GLU A 14 30.70 1.70 23.56
N MET A 15 30.87 0.86 22.55
CA MET A 15 29.95 0.79 21.40
C MET A 15 28.63 0.11 21.72
N LEU A 16 28.49 -0.44 22.90
CA LEU A 16 27.37 -1.35 23.23
C LEU A 16 26.59 -0.82 24.42
N ALA A 17 26.48 0.49 24.45
CA ALA A 17 25.64 1.25 25.39
C ALA A 17 24.20 0.80 25.27
N ASP A 18 23.41 1.05 26.29
CA ASP A 18 22.01 0.63 26.19
C ASP A 18 21.05 1.69 25.60
N LYS A 19 21.63 2.69 24.95
CA LYS A 19 20.88 3.64 24.15
C LYS A 19 21.80 4.13 23.08
N ALA A 20 21.40 4.00 21.81
CA ALA A 20 22.23 4.43 20.72
C ALA A 20 21.41 4.74 19.49
N ALA A 21 21.98 5.58 18.63
CA ALA A 21 21.53 5.71 17.26
C ALA A 21 22.35 4.76 16.47
N LEU A 22 21.70 4.05 15.56
CA LEU A 22 22.34 2.98 14.83
C LEU A 22 21.98 3.11 13.37
N VAL A 23 22.98 2.96 12.52
CA VAL A 23 22.79 2.92 11.08
C VAL A 23 23.38 1.62 10.61
N VAL A 24 22.56 0.83 9.93
CA VAL A 24 22.96 -0.36 9.23
C VAL A 24 22.59 -0.19 7.78
N GLU A 25 23.57 0.22 6.98
CA GLU A 25 23.30 0.78 5.67
C GLU A 25 23.20 -0.27 4.59
N VAL A 26 22.05 -0.31 3.95
CA VAL A 26 21.80 -1.21 2.83
C VAL A 26 21.43 -0.30 1.69
N VAL A 27 22.30 -0.25 0.69
CA VAL A 27 22.22 0.76 -0.34
C VAL A 27 21.36 0.29 -1.47
N GLU A 28 21.36 -1.01 -1.77
CA GLU A 28 20.44 -1.57 -2.80
C GLU A 28 18.98 -1.23 -2.46
N GLU A 29 18.19 -0.82 -3.43
CA GLU A 29 16.80 -0.41 -3.18
C GLU A 29 15.99 -1.56 -2.62
N ASN A 30 16.11 -2.70 -3.29
CA ASN A 30 15.57 -3.96 -2.82
C ASN A 30 16.51 -4.56 -1.80
N TYR A 31 16.12 -4.53 -0.55
CA TYR A 31 17.02 -4.97 0.49
C TYR A 31 17.04 -6.48 0.82
N HIS A 32 16.29 -7.31 0.09
CA HIS A 32 16.26 -8.73 0.35
C HIS A 32 17.57 -9.40 -0.07
N ASP A 33 18.28 -10.04 0.86
CA ASP A 33 19.54 -10.73 0.60
C ASP A 33 20.61 -9.79 0.03
N ALA A 34 20.56 -8.52 0.43
CA ALA A 34 21.41 -7.49 -0.10
C ALA A 34 22.56 -7.23 0.85
N PRO A 35 23.65 -6.65 0.33
CA PRO A 35 24.78 -6.32 1.20
C PRO A 35 24.49 -5.23 2.21
N ILE A 36 25.08 -5.35 3.38
CA ILE A 36 25.21 -4.26 4.32
C ILE A 36 26.59 -3.62 4.10
N VAL A 37 26.65 -2.34 3.74
CA VAL A 37 27.92 -1.76 3.29
C VAL A 37 28.69 -1.07 4.41
N GLY A 38 28.03 -0.79 5.53
CA GLY A 38 28.69 -0.17 6.67
C GLY A 38 27.76 -0.01 7.84
N ILE A 39 28.33 0.24 9.00
CA ILE A 39 27.59 0.41 10.22
C ILE A 39 28.12 1.61 10.96
N ALA A 40 27.24 2.35 11.62
CA ALA A 40 27.65 3.45 12.44
C ALA A 40 26.81 3.47 13.67
N VAL A 41 27.45 3.84 14.76
CA VAL A 41 26.82 3.90 16.08
C VAL A 41 27.17 5.25 16.69
N VAL A 42 26.20 5.89 17.26
CA VAL A 42 26.45 7.12 18.02
C VAL A 42 25.76 6.84 19.33
N ASN A 43 26.48 7.12 20.39
CA ASN A 43 25.94 7.02 21.74
C ASN A 43 26.65 8.03 22.66
N GLU A 44 26.36 7.95 23.96
CA GLU A 44 26.92 8.86 25.00
C GLU A 44 28.46 8.89 25.01
N HIS A 45 29.09 7.82 24.57
CA HIS A 45 30.55 7.72 24.55
C HIS A 45 31.20 8.20 23.27
N GLY A 46 30.43 8.45 22.22
CA GLY A 46 31.00 8.97 21.01
C GLY A 46 30.34 8.47 19.73
N ARG A 47 31.06 8.61 18.65
CA ARG A 47 30.62 8.23 17.33
C ARG A 47 31.59 7.22 16.76
N PHE A 48 31.05 6.16 16.16
CA PHE A 48 31.83 5.03 15.66
C PHE A 48 31.37 4.56 14.29
N PHE A 49 32.31 4.26 13.40
CA PHE A 49 32.02 3.49 12.17
C PHE A 49 32.68 2.13 12.26
N LEU A 50 31.91 1.10 11.94
CA LEU A 50 32.37 -0.27 11.91
C LEU A 50 32.17 -0.87 10.54
N ARG A 51 33.15 -1.63 10.09
CA ARG A 51 32.99 -2.40 8.89
C ARG A 51 32.08 -3.60 9.21
N PRO A 52 31.16 -3.91 8.30
CA PRO A 52 30.18 -4.98 8.56
C PRO A 52 30.77 -6.39 8.73
N GLU A 53 31.84 -6.69 8.00
CA GLU A 53 32.48 -8.00 8.15
C GLU A 53 33.06 -8.17 9.55
N SER A 54 33.61 -7.11 10.12
CA SER A 54 34.08 -7.14 11.49
C SER A 54 32.87 -7.27 12.42
N ALA A 55 31.99 -6.27 12.41
CA ALA A 55 30.97 -6.17 13.46
C ALA A 55 29.99 -7.35 13.44
N LEU A 56 29.60 -7.79 12.26
CA LEU A 56 28.61 -8.87 12.18
C LEU A 56 29.20 -10.27 12.43
N ALA A 57 30.52 -10.37 12.48
CA ALA A 57 31.16 -11.61 12.95
C ALA A 57 31.49 -11.54 14.45
N ASP A 58 31.32 -10.38 15.08
CA ASP A 58 31.62 -10.22 16.49
C ASP A 58 30.42 -10.63 17.35
N PRO A 59 30.58 -11.68 18.16
CA PRO A 59 29.47 -12.21 18.94
C PRO A 59 28.83 -11.21 19.90
N GLN A 60 29.62 -10.32 20.47
CA GLN A 60 29.09 -9.34 21.42
C GLN A 60 28.25 -8.26 20.69
N PHE A 61 28.67 -7.86 19.49
CA PHE A 61 27.89 -6.93 18.67
C PHE A 61 26.56 -7.53 18.21
N VAL A 62 26.63 -8.73 17.66
CA VAL A 62 25.43 -9.50 17.33
C VAL A 62 24.51 -9.66 18.53
N ALA A 63 25.04 -9.98 19.72
CA ALA A 63 24.20 -10.08 20.93
C ALA A 63 23.56 -8.72 21.31
N TRP A 64 24.33 -7.65 21.16
CA TRP A 64 23.79 -6.32 21.40
C TRP A 64 22.62 -5.98 20.43
N LEU A 65 22.82 -6.23 19.15
CA LEU A 65 21.75 -6.08 18.17
C LEU A 65 20.49 -6.77 18.62
N GLY A 66 20.63 -8.02 19.06
CA GLY A 66 19.47 -8.83 19.47
C GLY A 66 18.92 -8.61 20.88
N ASP A 67 19.51 -7.71 21.66
CA ASP A 67 19.07 -7.45 23.01
C ASP A 67 18.00 -6.33 23.04
N GLU A 68 16.82 -6.74 23.41
CA GLU A 68 15.65 -5.91 23.47
C GLU A 68 15.79 -4.75 24.45
N THR A 69 16.62 -4.93 25.49
CA THR A 69 16.82 -3.88 26.49
C THR A 69 17.90 -2.88 26.04
N LYS A 70 18.59 -3.14 24.95
CA LYS A 70 19.53 -2.19 24.35
C LYS A 70 18.79 -1.42 23.26
N LYS A 71 18.46 -0.16 23.55
CA LYS A 71 17.54 0.60 22.71
C LYS A 71 18.26 1.30 21.57
N LYS A 72 17.68 1.20 20.38
CA LYS A 72 18.24 1.82 19.22
C LYS A 72 17.26 2.79 18.57
N SER A 73 17.83 3.88 18.04
CA SER A 73 17.15 4.83 17.22
C SER A 73 17.69 4.70 15.82
N MET A 74 16.79 4.51 14.86
CA MET A 74 17.19 4.31 13.48
C MET A 74 16.31 5.09 12.54
N PHE A 75 16.71 5.09 11.27
CA PHE A 75 15.86 5.44 10.15
C PHE A 75 15.59 4.24 9.24
N ASP A 76 14.33 3.85 9.08
CA ASP A 76 13.97 2.71 8.21
C ASP A 76 14.55 1.42 8.75
N SER A 77 14.15 1.15 9.97
CA SER A 77 14.62 -0.01 10.65
C SER A 77 14.18 -1.32 9.98
N LYS A 78 13.11 -1.34 9.18
CA LYS A 78 12.72 -2.59 8.53
C LYS A 78 13.72 -3.02 7.46
N ARG A 79 14.31 -2.05 6.79
CA ARG A 79 15.35 -2.31 5.80
C ARG A 79 16.49 -3.07 6.43
N ALA A 80 16.94 -2.54 7.56
CA ALA A 80 18.03 -3.07 8.32
C ALA A 80 17.68 -4.47 8.85
N ALA A 81 16.55 -4.52 9.54
CA ALA A 81 16.00 -5.75 10.11
C ALA A 81 15.88 -6.85 9.07
N VAL A 82 15.33 -6.53 7.91
CA VAL A 82 15.24 -7.54 6.87
C VAL A 82 16.63 -7.94 6.34
N ALA A 83 17.53 -7.00 6.08
CA ALA A 83 18.87 -7.37 5.56
C ALA A 83 19.60 -8.29 6.54
N LEU A 84 19.41 -8.01 7.82
CA LEU A 84 20.05 -8.78 8.87
C LEU A 84 19.41 -10.17 9.01
N LYS A 85 18.09 -10.27 8.84
CA LYS A 85 17.43 -11.57 8.78
C LYS A 85 18.01 -12.52 7.73
N TRP A 86 18.33 -12.01 6.56
CA TRP A 86 18.87 -12.87 5.52
C TRP A 86 20.26 -13.38 5.89
N LYS A 87 20.91 -12.71 6.85
CA LYS A 87 22.22 -13.10 7.38
C LYS A 87 22.11 -13.88 8.68
N GLY A 88 20.89 -14.29 9.06
CA GLY A 88 20.69 -15.02 10.30
C GLY A 88 20.82 -14.19 11.59
N ILE A 89 20.71 -12.87 11.51
CA ILE A 89 20.87 -12.04 12.71
C ILE A 89 19.58 -11.29 13.06
N GLU A 90 19.27 -11.24 14.35
CA GLU A 90 18.06 -10.56 14.84
C GLU A 90 18.34 -9.14 15.29
N LEU A 91 17.49 -8.21 14.87
CA LEU A 91 17.59 -6.86 15.35
C LEU A 91 16.43 -6.66 16.28
N CYS A 92 16.71 -6.29 17.52
CA CYS A 92 15.65 -5.97 18.47
C CYS A 92 15.92 -4.65 19.15
N GLY A 93 14.91 -4.18 19.87
CA GLY A 93 15.03 -3.04 20.72
C GLY A 93 15.04 -1.69 20.01
N VAL A 94 14.47 -1.64 18.80
CA VAL A 94 14.35 -0.39 18.07
C VAL A 94 13.20 0.39 18.69
N SER A 95 13.52 1.41 19.49
CA SER A 95 12.47 2.15 20.21
C SER A 95 12.08 3.44 19.46
N PHE A 96 12.77 3.76 18.37
CA PHE A 96 12.47 5.00 17.64
C PHE A 96 12.89 4.86 16.18
N ASP A 97 11.92 5.06 15.29
CA ASP A 97 12.19 5.02 13.87
C ASP A 97 11.86 6.40 13.29
N LEU A 98 12.91 7.12 12.90
CA LEU A 98 12.77 8.47 12.38
C LEU A 98 12.00 8.55 11.10
N LEU A 99 12.16 7.57 10.21
CA LEU A 99 11.32 7.48 9.00
C LEU A 99 9.83 7.45 9.31
N LEU A 100 9.44 6.60 10.25
CA LEU A 100 8.04 6.50 10.61
C LEU A 100 7.57 7.72 11.40
N ALA A 101 8.46 8.28 12.24
CA ALA A 101 8.12 9.54 12.95
C ALA A 101 7.85 10.67 11.95
N ALA A 102 8.72 10.83 10.96
CA ALA A 102 8.52 11.92 9.99
C ALA A 102 7.26 11.69 9.17
N TYR A 103 7.02 10.47 8.74
CA TYR A 103 5.79 10.13 8.03
C TYR A 103 4.50 10.43 8.78
N LEU A 104 4.46 10.18 10.08
CA LEU A 104 3.27 10.51 10.85
C LEU A 104 3.05 12.02 10.98
N LEU A 105 4.16 12.77 11.10
CA LEU A 105 4.10 14.21 11.30
C LEU A 105 3.65 14.93 10.05
N ASP A 106 4.11 14.50 8.89
CA ASP A 106 3.62 15.05 7.64
C ASP A 106 3.94 14.12 6.47
N PRO A 107 2.94 13.34 6.02
CA PRO A 107 3.17 12.42 4.91
C PRO A 107 3.45 13.11 3.60
N ALA A 108 3.00 14.35 3.45
CA ALA A 108 3.22 15.10 2.20
C ALA A 108 4.68 15.53 1.97
N GLN A 109 5.52 15.51 2.99
CA GLN A 109 6.94 15.85 2.76
C GLN A 109 7.66 14.83 1.89
N GLY A 110 7.17 13.59 1.80
CA GLY A 110 7.86 12.54 1.03
C GLY A 110 9.24 12.22 1.62
N VAL A 111 9.35 12.19 2.94
CA VAL A 111 10.63 11.94 3.59
C VAL A 111 11.04 10.53 3.23
N ASP A 112 12.15 10.41 2.50
CA ASP A 112 12.72 9.10 2.20
C ASP A 112 14.21 8.99 2.51
N ASP A 113 14.77 10.00 3.14
CA ASP A 113 16.07 9.84 3.72
C ASP A 113 16.19 10.68 4.98
N VAL A 114 17.24 10.42 5.71
CA VAL A 114 17.54 11.15 6.98
C VAL A 114 17.63 12.67 6.76
N ALA A 115 18.22 13.09 5.62
CA ALA A 115 18.43 14.50 5.34
C ALA A 115 17.09 15.26 5.22
N ALA A 116 16.12 14.65 4.55
CA ALA A 116 14.77 15.19 4.42
C ALA A 116 14.03 15.28 5.75
N ALA A 117 14.13 14.26 6.59
CA ALA A 117 13.61 14.33 7.97
C ALA A 117 14.31 15.43 8.74
N ALA A 118 15.62 15.50 8.64
CA ALA A 118 16.39 16.50 9.42
C ALA A 118 15.98 17.95 9.07
N LYS A 119 15.67 18.17 7.80
CA LYS A 119 15.32 19.51 7.29
C LYS A 119 14.06 20.02 7.98
N MET A 120 13.16 19.11 8.36
CA MET A 120 11.94 19.46 9.04
C MET A 120 12.20 20.20 10.33
N LYS A 121 13.38 19.97 10.93
CA LYS A 121 13.76 20.62 12.17
C LYS A 121 15.00 21.52 12.01
N GLN A 122 15.23 22.01 10.80
CA GLN A 122 16.31 22.96 10.53
C GLN A 122 17.68 22.35 10.87
N TYR A 123 17.79 21.03 10.73
CA TYR A 123 19.03 20.34 10.91
C TYR A 123 19.48 20.01 9.51
N GLU A 124 20.65 20.53 9.15
CA GLU A 124 21.19 20.34 7.83
C GLU A 124 22.59 19.77 7.76
N ALA A 125 23.16 19.36 8.89
CA ALA A 125 24.52 18.81 8.91
C ALA A 125 24.58 17.33 8.47
N VAL A 126 23.89 17.01 7.39
CA VAL A 126 23.89 15.65 6.86
C VAL A 126 23.50 15.74 5.37
N ARG A 127 24.14 14.95 4.52
CA ARG A 127 23.80 14.98 3.10
C ARG A 127 22.64 14.03 2.72
N PRO A 128 21.84 14.44 1.72
CA PRO A 128 20.92 13.53 1.05
C PRO A 128 21.67 12.33 0.47
N ASP A 129 21.07 11.14 0.67
CA ASP A 129 21.61 9.92 0.17
C ASP A 129 21.91 10.02 -1.32
N GLU A 130 21.04 10.71 -2.05
CA GLU A 130 21.20 10.83 -3.50
C GLU A 130 22.50 11.53 -3.86
N ALA A 131 22.89 12.53 -3.07
CA ALA A 131 24.18 13.20 -3.26
C ALA A 131 25.37 12.29 -2.94
N VAL A 132 25.21 11.39 -1.96
CA VAL A 132 26.34 10.55 -1.57
C VAL A 132 26.48 9.37 -2.53
N TYR A 133 25.36 8.72 -2.86
CA TYR A 133 25.39 7.54 -3.71
C TYR A 133 25.22 7.86 -5.19
N GLY A 134 24.87 9.09 -5.53
CA GLY A 134 24.50 9.43 -6.92
C GLY A 134 23.18 8.81 -7.33
N LYS A 135 22.80 8.88 -8.61
CA LYS A 135 21.54 8.22 -9.03
C LYS A 135 21.57 7.56 -10.41
N GLY A 136 20.68 6.57 -10.57
CA GLY A 136 20.56 5.83 -11.80
C GLY A 136 21.76 4.95 -12.08
N ALA A 137 22.29 5.03 -13.30
CA ALA A 137 23.44 4.21 -13.72
C ALA A 137 24.73 4.62 -12.97
N LYS A 138 24.76 5.82 -12.40
CA LYS A 138 25.96 6.28 -11.69
C LYS A 138 25.92 5.97 -10.20
N ARG A 139 24.85 5.33 -9.77
CA ARG A 139 24.69 4.91 -8.39
C ARG A 139 25.88 4.04 -7.99
N ALA A 140 26.63 4.47 -6.97
CA ALA A 140 27.78 3.71 -6.49
C ALA A 140 28.01 3.97 -5.00
N VAL A 141 28.43 2.95 -4.27
CA VAL A 141 28.95 3.12 -2.91
C VAL A 141 30.29 3.84 -3.02
N PRO A 142 30.48 4.96 -2.30
CA PRO A 142 31.76 5.63 -2.43
C PRO A 142 32.80 4.98 -1.55
N ASP A 143 34.02 5.51 -1.63
CA ASP A 143 35.12 5.01 -0.83
C ASP A 143 34.89 5.19 0.66
N GLU A 144 35.64 4.48 1.45
CA GLU A 144 35.36 4.34 2.85
C GLU A 144 35.34 5.63 3.68
N PRO A 145 36.20 6.62 3.37
CA PRO A 145 36.16 7.80 4.22
C PRO A 145 34.89 8.61 3.97
N VAL A 146 34.49 8.70 2.71
CA VAL A 146 33.28 9.40 2.31
C VAL A 146 32.07 8.61 2.87
N LEU A 147 32.04 7.29 2.64
CA LEU A 147 30.96 6.43 3.21
C LEU A 147 30.85 6.55 4.73
N ALA A 148 31.98 6.46 5.42
CA ALA A 148 31.95 6.46 6.89
C ALA A 148 31.48 7.81 7.43
N GLU A 149 31.91 8.90 6.82
CA GLU A 149 31.46 10.18 7.30
C GLU A 149 29.95 10.31 7.16
N HIS A 150 29.43 9.91 5.98
CA HIS A 150 27.98 9.98 5.73
C HIS A 150 27.17 9.17 6.75
N LEU A 151 27.55 7.91 6.98
CA LEU A 151 26.81 7.08 7.93
C LEU A 151 26.85 7.66 9.34
N VAL A 152 28.01 8.17 9.78
CA VAL A 152 28.12 8.80 11.11
C VAL A 152 27.25 10.07 11.22
N ARG A 153 27.22 10.87 10.15
CA ARG A 153 26.35 12.07 10.10
C ARG A 153 24.86 11.69 10.22
N LYS A 154 24.50 10.61 9.55
CA LYS A 154 23.11 10.11 9.65
C LYS A 154 22.80 9.71 11.06
N ALA A 155 23.65 8.89 11.67
CA ALA A 155 23.49 8.47 13.06
C ALA A 155 23.46 9.62 14.00
N ALA A 156 24.34 10.60 13.77
CA ALA A 156 24.36 11.78 14.64
C ALA A 156 23.04 12.58 14.49
N ALA A 157 22.53 12.66 13.29
CA ALA A 157 21.25 13.35 13.03
C ALA A 157 20.11 12.65 13.78
N ILE A 158 20.04 11.32 13.66
CA ILE A 158 19.07 10.53 14.41
C ILE A 158 19.16 10.80 15.90
N TRP A 159 20.38 10.75 16.43
CA TRP A 159 20.60 11.00 17.85
C TRP A 159 20.09 12.38 18.25
N ALA A 160 20.36 13.39 17.41
CA ALA A 160 19.91 14.77 17.67
C ALA A 160 18.41 14.97 17.51
N LEU A 161 17.79 14.26 16.59
CA LEU A 161 16.41 14.56 16.20
C LEU A 161 15.33 13.77 16.94
N GLU A 162 15.70 12.67 17.59
CA GLU A 162 14.72 11.91 18.37
C GLU A 162 13.87 12.79 19.28
N ARG A 163 14.50 13.59 20.14
CA ARG A 163 13.72 14.35 21.13
C ARG A 163 12.75 15.34 20.47
N PRO A 164 13.20 16.09 19.45
CA PRO A 164 12.27 17.03 18.79
C PRO A 164 11.10 16.35 18.07
N PHE A 165 11.33 15.26 17.35
CA PHE A 165 10.25 14.50 16.72
C PHE A 165 9.24 13.93 17.75
N LEU A 166 9.72 13.35 18.84
CA LEU A 166 8.83 12.79 19.84
C LEU A 166 8.04 13.88 20.58
N ASP A 167 8.64 15.06 20.77
CA ASP A 167 7.91 16.21 21.35
C ASP A 167 6.75 16.64 20.45
N GLU A 168 7.02 16.85 19.16
CA GLU A 168 5.99 17.16 18.23
C GLU A 168 4.93 16.05 18.13
N LEU A 169 5.34 14.79 18.00
CA LEU A 169 4.39 13.71 17.98
C LEU A 169 3.43 13.80 19.20
N ARG A 170 3.99 14.04 20.38
CA ARG A 170 3.18 14.13 21.59
C ARG A 170 2.16 15.25 21.52
N ARG A 171 2.60 16.44 21.09
CA ARG A 171 1.73 17.58 20.97
C ARG A 171 0.58 17.26 20.01
N ASN A 172 0.89 16.51 18.96
CA ASN A 172 -0.13 16.07 18.01
C ASN A 172 -1.00 14.88 18.49
N GLU A 173 -0.77 14.37 19.70
CA GLU A 173 -1.32 13.08 20.15
C GLU A 173 -1.03 11.92 19.19
N GLN A 174 0.19 11.86 18.69
CA GLN A 174 0.59 10.78 17.76
C GLN A 174 1.66 9.89 18.32
N ASP A 175 2.04 10.08 19.58
CA ASP A 175 3.15 9.34 20.20
C ASP A 175 2.84 7.87 20.37
N ARG A 176 1.60 7.58 20.75
CA ARG A 176 1.16 6.20 20.85
C ARG A 176 1.00 5.60 19.49
N LEU A 177 0.56 6.41 18.52
CA LEU A 177 0.45 5.92 17.16
C LEU A 177 1.80 5.44 16.61
N LEU A 178 2.88 6.18 16.93
CA LEU A 178 4.20 5.73 16.54
C LEU A 178 4.62 4.46 17.30
N VAL A 179 4.54 4.52 18.62
CA VAL A 179 5.18 3.54 19.49
C VAL A 179 4.33 2.26 19.59
N GLU A 180 3.01 2.38 19.60
CA GLU A 180 2.16 1.20 19.77
C GLU A 180 1.61 0.64 18.45
N LEU A 181 1.66 1.42 17.37
CA LEU A 181 1.15 0.92 16.10
C LEU A 181 2.17 0.81 14.99
N GLU A 182 2.70 1.92 14.51
CA GLU A 182 3.58 1.85 13.33
C GLU A 182 4.91 1.11 13.59
N GLN A 183 5.53 1.30 14.75
CA GLN A 183 6.80 0.60 15.03
C GLN A 183 6.61 -0.93 15.18
N PRO A 184 5.65 -1.37 16.00
CA PRO A 184 5.43 -2.82 16.07
C PRO A 184 4.93 -3.40 14.72
N LEU A 185 4.14 -2.64 13.97
CA LEU A 185 3.75 -3.09 12.62
C LEU A 185 4.99 -3.32 11.72
N SER A 186 5.99 -2.47 11.89
CA SER A 186 7.14 -2.49 11.03
C SER A 186 7.88 -3.85 11.17
N SER A 187 7.99 -4.33 12.39
CA SER A 187 8.55 -5.64 12.64
C SER A 187 7.66 -6.80 12.08
N ILE A 188 6.33 -6.65 12.13
CA ILE A 188 5.41 -7.64 11.54
C ILE A 188 5.55 -7.68 10.03
N LEU A 189 5.70 -6.51 9.43
CA LEU A 189 5.93 -6.40 8.03
C LEU A 189 7.27 -7.04 7.64
N ALA A 190 8.28 -6.85 8.48
CA ALA A 190 9.60 -7.43 8.19
C ALA A 190 9.50 -8.96 8.13
N GLU A 191 8.82 -9.57 9.11
CA GLU A 191 8.57 -11.02 9.10
C GLU A 191 7.82 -11.48 7.84
N MET A 192 6.81 -10.72 7.43
CA MET A 192 6.00 -11.05 6.25
C MET A 192 6.85 -11.05 4.98
N GLU A 193 7.64 -10.00 4.82
CA GLU A 193 8.46 -9.82 3.63
C GLU A 193 9.53 -10.92 3.57
N PHE A 194 10.13 -11.18 4.71
CA PHE A 194 11.15 -12.22 4.84
C PHE A 194 10.63 -13.63 4.52
N ALA A 195 9.47 -14.00 5.07
CA ALA A 195 8.83 -15.29 4.81
C ALA A 195 8.52 -15.42 3.34
N GLY A 196 7.99 -14.35 2.74
CA GLY A 196 7.64 -14.37 1.32
C GLY A 196 6.44 -15.27 0.98
N VAL A 197 6.08 -15.32 -0.31
CA VAL A 197 4.97 -16.12 -0.80
C VAL A 197 5.49 -17.05 -1.87
N LYS A 198 5.20 -18.34 -1.70
CA LYS A 198 5.64 -19.35 -2.63
C LYS A 198 4.89 -19.26 -3.96
N VAL A 199 5.61 -19.42 -5.05
CA VAL A 199 5.02 -19.36 -6.38
C VAL A 199 5.21 -20.66 -7.13
N ASP A 200 4.16 -21.15 -7.75
CA ASP A 200 4.24 -22.30 -8.65
C ASP A 200 4.69 -21.80 -10.02
N THR A 201 5.99 -21.76 -10.23
CA THR A 201 6.52 -21.15 -11.43
C THR A 201 6.14 -21.98 -12.66
N LYS A 202 6.06 -23.30 -12.51
CA LYS A 202 5.70 -24.17 -13.65
C LYS A 202 4.31 -23.82 -14.14
N ARG A 203 3.38 -23.59 -13.22
CA ARG A 203 2.05 -23.21 -13.62
C ARG A 203 2.05 -21.87 -14.35
N LEU A 204 2.79 -20.91 -13.81
CA LEU A 204 2.94 -19.63 -14.48
C LEU A 204 3.56 -19.79 -15.87
N GLU A 205 4.59 -20.61 -16.02
CA GLU A 205 5.23 -20.75 -17.34
C GLU A 205 4.27 -21.33 -18.38
N GLN A 206 3.42 -22.26 -17.96
CA GLN A 206 2.47 -22.83 -18.88
C GLN A 206 1.37 -21.81 -19.20
N MET A 207 0.89 -21.06 -18.20
CA MET A 207 -0.01 -19.95 -18.48
C MET A 207 0.60 -19.04 -19.53
N GLY A 208 1.86 -18.68 -19.36
CA GLY A 208 2.57 -17.83 -20.31
C GLY A 208 2.59 -18.38 -21.73
N LYS A 209 2.72 -19.70 -21.84
CA LYS A 209 2.72 -20.38 -23.14
C LYS A 209 1.37 -20.30 -23.85
N GLU A 210 0.31 -20.52 -23.10
CA GLU A 210 -1.03 -20.40 -23.66
C GLU A 210 -1.34 -18.97 -24.11
N LEU A 211 -1.06 -17.99 -23.24
CA LEU A 211 -1.24 -16.57 -23.57
C LEU A 211 -0.44 -16.24 -24.81
N ALA A 212 0.81 -16.66 -24.84
CA ALA A 212 1.66 -16.45 -26.02
C ALA A 212 0.90 -16.82 -27.29
N GLU A 213 0.20 -17.95 -27.23
CA GLU A 213 -0.50 -18.46 -28.41
C GLU A 213 -1.78 -17.68 -28.73
N GLN A 214 -2.56 -17.38 -27.71
CA GLN A 214 -3.76 -16.56 -27.90
C GLN A 214 -3.41 -15.16 -28.36
N LEU A 215 -2.24 -14.65 -27.96
CA LEU A 215 -1.81 -13.34 -28.37
C LEU A 215 -1.46 -13.36 -29.84
N ARG A 216 -0.80 -14.42 -30.32
CA ARG A 216 -0.45 -14.53 -31.75
C ARG A 216 -1.73 -14.57 -32.59
N THR A 217 -2.72 -15.31 -32.13
CA THR A 217 -4.01 -15.38 -32.83
C THR A 217 -4.73 -14.01 -32.92
N VAL A 218 -4.88 -13.33 -31.79
CA VAL A 218 -5.53 -12.02 -31.80
C VAL A 218 -4.69 -10.99 -32.61
N GLU A 219 -3.38 -11.05 -32.50
CA GLU A 219 -2.51 -10.12 -33.21
C GLU A 219 -2.69 -10.25 -34.73
N GLN A 220 -2.81 -11.48 -35.21
CA GLN A 220 -2.97 -11.73 -36.66
C GLN A 220 -4.36 -11.28 -37.12
N ARG A 221 -5.37 -11.55 -36.29
CA ARG A 221 -6.73 -11.09 -36.55
C ARG A 221 -6.76 -9.57 -36.73
N ILE A 222 -6.05 -8.87 -35.85
CA ILE A 222 -5.97 -7.43 -35.87
C ILE A 222 -5.34 -6.91 -37.18
N TYR A 223 -4.24 -7.51 -37.61
CA TYR A 223 -3.62 -7.15 -38.90
C TYR A 223 -4.52 -7.53 -40.08
N GLU A 224 -5.23 -8.65 -39.96
CA GLU A 224 -6.18 -9.05 -40.99
C GLU A 224 -7.30 -7.99 -41.10
N LEU A 225 -7.77 -7.51 -39.95
CA LEU A 225 -8.92 -6.60 -39.86
C LEU A 225 -8.54 -5.16 -40.17
N ALA A 226 -7.27 -4.83 -39.93
CA ALA A 226 -6.73 -3.52 -40.26
C ALA A 226 -6.38 -3.47 -41.74
N GLY A 227 -6.05 -4.65 -42.29
CA GLY A 227 -5.58 -4.76 -43.67
C GLY A 227 -4.09 -4.51 -43.80
N GLN A 228 -3.40 -4.43 -42.66
CA GLN A 228 -1.95 -4.24 -42.67
C GLN A 228 -1.33 -4.54 -41.30
N GLU A 229 -0.02 -4.83 -41.31
CA GLU A 229 0.70 -5.06 -40.07
C GLU A 229 1.19 -3.74 -39.52
N PHE A 230 1.19 -3.61 -38.19
CA PHE A 230 1.62 -2.38 -37.53
C PHE A 230 1.95 -2.66 -36.07
N ASN A 231 2.59 -1.73 -35.39
CA ASN A 231 2.78 -1.87 -33.95
C ASN A 231 1.53 -1.47 -33.19
N ILE A 232 0.77 -2.49 -32.82
CA ILE A 232 -0.47 -2.33 -32.07
C ILE A 232 -0.25 -1.57 -30.77
N ASN A 233 0.97 -1.59 -30.25
CA ASN A 233 1.29 -0.91 -28.97
C ASN A 233 1.73 0.54 -29.18
N SER A 234 1.98 0.93 -30.43
CA SER A 234 2.36 2.32 -30.79
C SER A 234 1.13 3.23 -30.80
N PRO A 235 1.05 4.25 -29.92
CA PRO A 235 -0.14 5.12 -30.06
C PRO A 235 -0.23 5.84 -31.41
N LYS A 236 0.90 6.06 -32.07
CA LYS A 236 0.92 6.78 -33.34
C LYS A 236 0.33 5.90 -34.45
N GLN A 237 0.81 4.67 -34.53
CA GLN A 237 0.38 3.74 -35.56
C GLN A 237 -1.08 3.30 -35.34
N LEU A 238 -1.45 3.03 -34.10
CA LEU A 238 -2.80 2.62 -33.74
C LEU A 238 -3.84 3.72 -33.97
N GLY A 239 -3.48 4.94 -33.60
CA GLY A 239 -4.28 6.12 -33.89
C GLY A 239 -4.50 6.33 -35.38
N VAL A 240 -3.47 6.12 -36.18
CA VAL A 240 -3.61 6.20 -37.62
C VAL A 240 -4.55 5.10 -38.18
N ILE A 241 -4.49 3.88 -37.62
CA ILE A 241 -5.29 2.78 -38.16
C ILE A 241 -6.76 3.03 -37.78
N LEU A 242 -6.98 3.33 -36.53
CA LEU A 242 -8.34 3.51 -36.04
C LEU A 242 -9.03 4.77 -36.55
N PHE A 243 -8.37 5.91 -36.38
CA PHE A 243 -9.02 7.17 -36.61
C PHE A 243 -8.76 7.82 -37.95
N GLU A 244 -7.88 7.23 -38.77
CA GLU A 244 -7.63 7.69 -40.13
C GLU A 244 -7.95 6.61 -41.17
N LYS A 245 -7.16 5.53 -41.22
CA LYS A 245 -7.49 4.47 -42.16
C LYS A 245 -8.94 3.95 -41.98
N LEU A 246 -9.40 3.81 -40.74
CA LEU A 246 -10.70 3.21 -40.54
C LEU A 246 -11.82 4.21 -40.25
N GLN A 247 -11.45 5.47 -39.97
CA GLN A 247 -12.41 6.59 -39.86
C GLN A 247 -13.29 6.52 -38.63
N LEU A 248 -12.85 5.80 -37.62
CA LEU A 248 -13.61 5.70 -36.39
C LEU A 248 -13.72 7.10 -35.82
N PRO A 249 -14.88 7.46 -35.23
CA PRO A 249 -15.05 8.78 -34.62
C PRO A 249 -14.00 9.06 -33.56
N VAL A 250 -13.66 10.33 -33.43
CA VAL A 250 -12.72 10.78 -32.42
C VAL A 250 -13.55 11.33 -31.29
N LEU A 251 -13.61 10.57 -30.21
CA LEU A 251 -14.46 10.88 -29.05
C LEU A 251 -13.64 11.56 -27.96
N LYS A 252 -12.33 11.29 -27.93
CA LYS A 252 -11.43 11.90 -26.94
C LYS A 252 -10.05 12.11 -27.54
N LYS A 253 -9.45 13.21 -27.14
CA LYS A 253 -8.18 13.59 -27.68
C LYS A 253 -7.17 13.58 -26.53
N THR A 254 -6.00 13.02 -26.76
CA THR A 254 -4.94 13.11 -25.75
C THR A 254 -4.19 14.42 -25.94
N LYS A 255 -3.36 14.74 -24.95
CA LYS A 255 -2.50 15.89 -25.03
C LYS A 255 -1.66 15.81 -26.31
N THR A 256 -1.19 14.61 -26.63
CA THR A 256 -0.30 14.41 -27.78
C THR A 256 -0.95 13.79 -29.04
N GLY A 257 -2.23 13.40 -28.96
CA GLY A 257 -2.86 12.71 -30.10
C GLY A 257 -4.24 12.16 -29.81
N TYR A 258 -4.60 11.08 -30.49
CA TYR A 258 -5.91 10.45 -30.28
C TYR A 258 -5.86 9.55 -29.06
N SER A 259 -6.93 9.56 -28.28
CA SER A 259 -7.07 8.64 -27.15
C SER A 259 -7.58 7.25 -27.57
N THR A 260 -6.96 6.19 -27.03
CA THR A 260 -7.43 4.82 -27.23
C THR A 260 -7.64 4.08 -25.88
N SER A 261 -7.99 4.81 -24.83
CA SER A 261 -8.32 4.15 -23.56
C SER A 261 -9.51 3.21 -23.71
N ALA A 262 -9.57 2.22 -22.82
CA ALA A 262 -10.58 1.16 -22.88
C ALA A 262 -11.99 1.74 -22.90
N ASP A 263 -12.23 2.82 -22.15
CA ASP A 263 -13.57 3.44 -22.15
C ASP A 263 -13.95 4.00 -23.53
N VAL A 264 -12.99 4.60 -24.22
CA VAL A 264 -13.21 5.06 -25.58
C VAL A 264 -13.41 3.87 -26.53
N LEU A 265 -12.57 2.85 -26.44
CA LEU A 265 -12.71 1.73 -27.36
C LEU A 265 -14.05 1.00 -27.22
N GLU A 266 -14.57 0.90 -26.00
CA GLU A 266 -15.86 0.24 -25.80
C GLU A 266 -16.99 0.94 -26.56
N LYS A 267 -16.95 2.26 -26.59
CA LYS A 267 -17.87 3.06 -27.41
C LYS A 267 -17.70 2.89 -28.92
N LEU A 268 -16.48 2.65 -29.40
CA LEU A 268 -16.24 2.46 -30.82
C LEU A 268 -16.55 1.05 -31.33
N ALA A 269 -16.70 0.11 -30.41
CA ALA A 269 -16.86 -1.31 -30.77
C ALA A 269 -17.90 -1.61 -31.88
N PRO A 270 -19.10 -1.00 -31.77
CA PRO A 270 -20.14 -1.25 -32.78
C PRO A 270 -19.76 -0.89 -34.20
N TYR A 271 -18.83 0.05 -34.37
CA TYR A 271 -18.43 0.51 -35.68
C TYR A 271 -17.51 -0.42 -36.44
N HIS A 272 -16.71 -1.21 -35.73
CA HIS A 272 -15.73 -2.06 -36.40
C HIS A 272 -15.24 -3.20 -35.49
N GLU A 273 -15.08 -4.37 -36.10
CA GLU A 273 -14.66 -5.61 -35.42
C GLU A 273 -13.22 -5.53 -34.89
N ILE A 274 -12.38 -4.66 -35.48
CA ILE A 274 -11.03 -4.46 -34.99
C ILE A 274 -11.02 -4.08 -33.50
N VAL A 275 -12.02 -3.36 -33.03
CA VAL A 275 -11.96 -2.79 -31.71
C VAL A 275 -12.00 -3.85 -30.57
N GLU A 276 -12.92 -4.82 -30.65
CA GLU A 276 -13.00 -5.85 -29.61
C GLU A 276 -11.71 -6.66 -29.56
N ASN A 277 -11.12 -6.93 -30.73
CA ASN A 277 -9.81 -7.59 -30.79
C ASN A 277 -8.66 -6.80 -30.18
N ILE A 278 -8.65 -5.49 -30.39
CA ILE A 278 -7.65 -4.67 -29.75
C ILE A 278 -7.82 -4.72 -28.24
N LEU A 279 -9.05 -4.68 -27.76
CA LEU A 279 -9.29 -4.71 -26.32
C LEU A 279 -8.81 -6.04 -25.69
N HIS A 280 -9.16 -7.14 -26.33
CA HIS A 280 -8.80 -8.50 -25.88
C HIS A 280 -7.26 -8.65 -25.91
N TYR A 281 -6.68 -8.17 -26.99
CA TYR A 281 -5.24 -8.08 -27.12
C TYR A 281 -4.55 -7.36 -25.93
N ARG A 282 -5.07 -6.22 -25.53
CA ARG A 282 -4.51 -5.48 -24.42
C ARG A 282 -4.69 -6.19 -23.06
N GLN A 283 -5.84 -6.80 -22.84
CA GLN A 283 -6.09 -7.60 -21.66
C GLN A 283 -5.06 -8.76 -21.53
N LEU A 284 -4.85 -9.51 -22.60
CA LEU A 284 -3.87 -10.60 -22.59
C LEU A 284 -2.45 -10.10 -22.45
N GLY A 285 -2.13 -9.02 -23.15
CA GLY A 285 -0.79 -8.47 -23.12
C GLY A 285 -0.43 -7.95 -21.74
N LYS A 286 -1.40 -7.37 -21.05
CA LYS A 286 -1.21 -6.91 -19.69
C LYS A 286 -0.89 -8.12 -18.81
N LEU A 287 -1.66 -9.19 -18.95
CA LEU A 287 -1.46 -10.36 -18.12
C LEU A 287 -0.06 -10.91 -18.37
N GLN A 288 0.29 -10.97 -19.65
CA GLN A 288 1.55 -11.58 -20.09
C GLN A 288 2.73 -10.79 -19.56
N SER A 289 2.71 -9.47 -19.75
CA SER A 289 3.91 -8.69 -19.50
C SER A 289 4.08 -8.35 -18.03
N THR A 290 3.01 -7.90 -17.40
CA THR A 290 3.05 -7.51 -16.00
C THR A 290 2.97 -8.70 -15.06
N TYR A 291 2.04 -9.61 -15.31
CA TYR A 291 1.81 -10.70 -14.38
C TYR A 291 2.55 -12.03 -14.65
N ILE A 292 2.59 -12.56 -15.86
CA ILE A 292 3.40 -13.74 -16.05
C ILE A 292 4.91 -13.47 -16.08
N GLU A 293 5.34 -12.59 -16.97
CA GLU A 293 6.74 -12.20 -17.11
C GLU A 293 7.32 -11.39 -15.94
N GLY A 294 6.56 -10.44 -15.44
CA GLY A 294 7.02 -9.62 -14.34
C GLY A 294 7.25 -10.40 -13.08
N LEU A 295 6.30 -11.27 -12.77
CA LEU A 295 6.35 -12.14 -11.63
C LEU A 295 7.47 -13.16 -11.75
N LEU A 296 7.67 -13.71 -12.94
CA LEU A 296 8.73 -14.69 -13.15
C LEU A 296 10.11 -14.03 -13.06
N LYS A 297 10.24 -12.75 -13.41
CA LYS A 297 11.50 -12.01 -13.22
C LYS A 297 11.86 -11.88 -11.76
N VAL A 298 10.88 -11.67 -10.87
CA VAL A 298 11.20 -11.37 -9.47
C VAL A 298 11.16 -12.58 -8.51
N VAL A 299 10.79 -13.76 -9.00
CA VAL A 299 10.80 -14.95 -8.14
C VAL A 299 12.25 -15.34 -7.89
N ARG A 300 12.57 -15.66 -6.65
CA ARG A 300 13.92 -16.10 -6.34
C ARG A 300 14.03 -17.56 -6.71
N PRO A 301 15.01 -17.89 -7.56
CA PRO A 301 15.17 -19.23 -8.11
C PRO A 301 15.48 -20.27 -7.06
N ASP A 302 16.19 -19.88 -6.03
CA ASP A 302 16.53 -20.79 -4.96
C ASP A 302 15.32 -21.27 -4.20
N THR A 303 14.42 -20.37 -3.86
CA THR A 303 13.26 -20.75 -3.07
C THR A 303 11.94 -20.75 -3.79
N LYS A 304 11.90 -20.22 -4.98
CA LYS A 304 10.64 -20.12 -5.66
C LYS A 304 9.68 -19.23 -4.88
N LYS A 305 10.17 -18.30 -4.09
CA LYS A 305 9.29 -17.32 -3.49
C LYS A 305 9.51 -15.92 -4.07
N VAL A 306 8.48 -15.09 -3.94
CA VAL A 306 8.57 -13.67 -4.18
C VAL A 306 8.56 -13.00 -2.80
N HIS A 307 9.44 -12.03 -2.61
CA HIS A 307 9.49 -11.29 -1.37
C HIS A 307 9.23 -9.82 -1.68
N THR A 308 8.00 -9.38 -1.43
CA THR A 308 7.63 -8.00 -1.66
C THR A 308 8.30 -7.11 -0.66
N ILE A 309 8.34 -5.82 -0.97
CA ILE A 309 8.62 -4.80 0.03
C ILE A 309 7.37 -3.94 0.24
N PHE A 310 6.93 -3.84 1.49
CA PHE A 310 5.82 -3.01 1.87
C PHE A 310 6.32 -1.65 2.32
N ASN A 311 6.01 -0.63 1.53
CA ASN A 311 6.34 0.72 1.92
C ASN A 311 5.31 1.19 2.92
N GLN A 312 5.74 1.33 4.16
CA GLN A 312 4.89 1.80 5.23
C GLN A 312 4.91 3.32 5.38
N ALA A 313 5.74 4.04 4.61
CA ALA A 313 5.94 5.50 4.81
C ALA A 313 5.75 6.30 3.52
N LEU A 314 4.80 5.89 2.72
CA LEU A 314 4.59 6.46 1.39
C LEU A 314 3.20 7.09 1.20
N THR A 315 2.12 6.35 1.41
CA THR A 315 0.80 6.85 1.01
C THR A 315 0.31 8.01 1.89
N GLN A 316 -0.43 8.92 1.28
CA GLN A 316 -0.93 10.12 1.98
C GLN A 316 -2.02 9.78 3.02
N THR A 317 -2.59 8.58 2.92
CA THR A 317 -3.70 8.19 3.77
C THR A 317 -3.41 7.26 4.95
N GLY A 318 -2.24 6.62 4.99
CA GLY A 318 -1.91 5.67 6.07
C GLY A 318 -1.94 4.23 5.60
N ARG A 319 -2.30 4.03 4.34
CA ARG A 319 -2.19 2.72 3.71
C ARG A 319 -0.75 2.34 3.49
N LEU A 320 -0.55 1.04 3.31
CA LEU A 320 0.70 0.49 2.86
C LEU A 320 0.69 0.48 1.38
N SER A 321 1.86 0.40 0.76
CA SER A 321 1.95 -0.03 -0.62
C SER A 321 2.93 -1.18 -0.77
N SER A 322 2.97 -1.78 -1.94
CA SER A 322 3.74 -3.00 -2.18
C SER A 322 4.46 -2.93 -3.52
N THR A 323 5.72 -3.35 -3.53
CA THR A 323 6.54 -3.27 -4.74
C THR A 323 7.40 -4.50 -4.94
N GLU A 324 7.64 -4.83 -6.21
CA GLU A 324 8.69 -5.76 -6.62
C GLU A 324 8.60 -7.15 -5.97
N PRO A 325 7.50 -7.85 -6.15
CA PRO A 325 6.40 -7.36 -6.94
C PRO A 325 5.36 -6.68 -6.05
N ASN A 326 4.42 -6.01 -6.71
CA ASN A 326 3.24 -5.46 -6.08
C ASN A 326 2.30 -6.62 -5.96
N LEU A 327 1.99 -7.02 -4.73
CA LEU A 327 1.09 -8.13 -4.50
C LEU A 327 -0.30 -7.62 -4.09
N GLN A 328 -0.50 -6.30 -4.15
CA GLN A 328 -1.80 -5.74 -3.88
C GLN A 328 -2.54 -5.38 -5.16
N ASN A 329 -2.05 -5.82 -6.32
CA ASN A 329 -2.82 -5.62 -7.53
C ASN A 329 -2.88 -6.83 -8.45
N ILE A 330 -2.86 -8.01 -7.85
CA ILE A 330 -3.01 -9.25 -8.58
C ILE A 330 -4.47 -9.35 -9.10
N PRO A 331 -4.64 -9.67 -10.40
CA PRO A 331 -5.93 -9.61 -11.06
C PRO A 331 -6.97 -10.45 -10.35
N ILE A 332 -8.20 -9.97 -10.34
CA ILE A 332 -9.28 -10.68 -9.68
C ILE A 332 -10.65 -10.50 -10.35
N ARG A 333 -10.88 -9.32 -10.94
CA ARG A 333 -12.20 -8.94 -11.48
C ARG A 333 -12.64 -9.87 -12.65
N LEU A 334 -11.79 -10.06 -13.64
CA LEU A 334 -12.09 -10.92 -14.78
C LEU A 334 -11.44 -12.28 -14.56
N GLU A 335 -12.24 -13.31 -14.79
CA GLU A 335 -11.86 -14.70 -14.53
C GLU A 335 -10.54 -15.11 -15.18
N GLU A 336 -10.30 -14.66 -16.40
CA GLU A 336 -9.08 -15.06 -17.12
C GLU A 336 -7.84 -14.56 -16.39
N GLY A 337 -7.94 -13.39 -15.76
CA GLY A 337 -6.81 -12.83 -15.03
C GLY A 337 -6.69 -13.38 -13.61
N ARG A 338 -7.84 -13.67 -13.00
CA ARG A 338 -7.93 -14.17 -11.65
C ARG A 338 -7.21 -15.52 -11.49
N LYS A 339 -7.04 -16.24 -12.60
CA LYS A 339 -6.40 -17.53 -12.58
C LYS A 339 -4.91 -17.43 -12.28
N ILE A 340 -4.38 -16.22 -12.36
CA ILE A 340 -3.01 -15.94 -12.04
C ILE A 340 -2.80 -16.35 -10.59
N ARG A 341 -3.84 -16.18 -9.78
CA ARG A 341 -3.78 -16.52 -8.38
C ARG A 341 -3.61 -18.00 -8.09
N GLN A 342 -3.83 -18.86 -9.08
CA GLN A 342 -3.56 -20.28 -8.88
C GLN A 342 -2.06 -20.55 -8.72
N ALA A 343 -1.22 -19.59 -9.12
CA ALA A 343 0.22 -19.70 -9.01
C ALA A 343 0.76 -19.32 -7.62
N PHE A 344 -0.07 -18.79 -6.76
CA PHE A 344 0.36 -18.47 -5.39
C PHE A 344 -0.08 -19.58 -4.46
N VAL A 345 0.89 -20.24 -3.84
CA VAL A 345 0.63 -21.51 -3.18
C VAL A 345 1.20 -21.47 -1.79
N PRO A 346 0.79 -22.38 -0.90
CA PRO A 346 1.40 -22.43 0.41
C PRO A 346 2.90 -22.85 0.32
N SER A 347 3.69 -22.43 1.31
CA SER A 347 5.14 -22.65 1.26
C SER A 347 5.55 -24.03 1.76
N GLU A 348 4.60 -24.77 2.33
CA GLU A 348 4.85 -26.15 2.78
C GLU A 348 3.73 -27.10 2.41
N SER A 349 4.07 -28.38 2.32
CA SER A 349 3.11 -29.40 1.98
C SER A 349 2.10 -29.56 3.09
N ASP A 350 0.86 -29.80 2.70
CA ASP A 350 -0.25 -29.89 3.66
C ASP A 350 -0.53 -28.60 4.41
N TRP A 351 -0.17 -27.48 3.78
CA TRP A 351 -0.52 -26.16 4.29
C TRP A 351 -1.56 -25.58 3.34
N LEU A 352 -2.35 -24.65 3.84
CA LEU A 352 -3.35 -24.00 3.01
C LEU A 352 -3.22 -22.47 3.11
N ILE A 353 -3.70 -21.78 2.08
CA ILE A 353 -3.91 -20.33 2.11
C ILE A 353 -5.25 -19.96 2.72
N PHE A 354 -5.22 -19.01 3.65
CA PHE A 354 -6.40 -18.52 4.34
C PHE A 354 -6.46 -16.99 4.09
N ALA A 355 -7.60 -16.51 3.59
CA ALA A 355 -7.85 -15.08 3.32
C ALA A 355 -9.03 -14.57 4.13
N ALA A 356 -8.85 -13.49 4.88
CA ALA A 356 -9.98 -12.86 5.54
C ALA A 356 -10.06 -11.40 5.07
N ASP A 357 -11.28 -10.92 4.85
CA ASP A 357 -11.50 -9.52 4.44
C ASP A 357 -12.66 -8.86 5.14
N TYR A 358 -12.49 -7.57 5.41
CA TYR A 358 -13.58 -6.76 5.94
C TYR A 358 -14.63 -6.54 4.86
N SER A 359 -15.88 -6.66 5.27
CA SER A 359 -16.99 -6.35 4.41
C SER A 359 -17.36 -4.86 4.57
N GLN A 360 -17.17 -4.09 3.51
CA GLN A 360 -17.54 -2.65 3.44
C GLN A 360 -17.00 -1.84 4.61
N ILE A 361 -15.71 -2.01 4.90
CA ILE A 361 -15.15 -1.30 6.03
C ILE A 361 -15.25 0.23 5.82
N GLU A 362 -15.00 0.72 4.61
CA GLU A 362 -15.05 2.21 4.40
C GLU A 362 -16.45 2.76 4.69
N LEU A 363 -17.50 2.15 4.14
CA LEU A 363 -18.84 2.59 4.45
C LEU A 363 -19.20 2.43 5.92
N ARG A 364 -18.68 1.42 6.59
CA ARG A 364 -19.01 1.26 7.98
C ARG A 364 -18.30 2.32 8.82
N VAL A 365 -17.07 2.66 8.45
CA VAL A 365 -16.37 3.78 9.12
C VAL A 365 -17.12 5.10 8.92
N LEU A 366 -17.61 5.31 7.71
CA LEU A 366 -18.39 6.50 7.41
C LEU A 366 -19.65 6.53 8.27
N ALA A 367 -20.32 5.39 8.43
CA ALA A 367 -21.47 5.37 9.26
C ALA A 367 -21.09 5.79 10.67
N HIS A 368 -19.98 5.29 11.16
CA HIS A 368 -19.53 5.59 12.50
C HIS A 368 -19.12 7.04 12.72
N ILE A 369 -18.32 7.59 11.80
CA ILE A 369 -17.83 8.96 11.96
C ILE A 369 -18.92 10.02 11.69
N ALA A 370 -19.79 9.77 10.72
CA ALA A 370 -20.88 10.70 10.40
C ALA A 370 -22.04 10.53 11.37
N GLU A 371 -22.11 9.40 12.08
CA GLU A 371 -23.29 9.05 12.88
C GLU A 371 -24.61 9.25 12.13
N ASP A 372 -24.67 8.73 10.92
CA ASP A 372 -25.89 8.80 10.15
C ASP A 372 -26.84 7.65 10.53
N ASP A 373 -28.04 8.01 10.96
CA ASP A 373 -28.95 7.03 11.56
C ASP A 373 -29.37 5.97 10.56
N ASN A 374 -29.64 6.40 9.35
CA ASN A 374 -30.06 5.49 8.32
C ASN A 374 -28.94 4.50 7.98
N LEU A 375 -27.74 5.02 7.80
CA LEU A 375 -26.61 4.20 7.41
C LEU A 375 -26.23 3.22 8.53
N MET A 376 -26.26 3.68 9.77
CA MET A 376 -25.88 2.89 10.94
C MET A 376 -26.90 1.77 11.10
N GLU A 377 -28.19 2.12 11.01
CA GLU A 377 -29.25 1.09 10.97
C GLU A 377 -29.01 0.06 9.86
N ALA A 378 -28.69 0.52 8.65
CA ALA A 378 -28.46 -0.43 7.57
C ALA A 378 -27.41 -1.47 7.96
N PHE A 379 -26.31 -1.01 8.57
CA PHE A 379 -25.21 -1.91 8.92
C PHE A 379 -25.54 -2.77 10.14
N ARG A 380 -26.29 -2.22 11.08
CA ARG A 380 -26.72 -2.96 12.23
C ARG A 380 -27.66 -4.11 11.88
N ARG A 381 -28.40 -3.95 10.78
CA ARG A 381 -29.21 -5.00 10.19
C ARG A 381 -28.44 -5.86 9.21
N ASP A 382 -27.14 -5.62 9.08
CA ASP A 382 -26.30 -6.29 8.10
C ASP A 382 -26.90 -6.39 6.69
N LEU A 383 -27.42 -5.27 6.18
CA LEU A 383 -28.10 -5.26 4.88
C LEU A 383 -27.08 -5.25 3.77
N ASP A 384 -27.49 -5.67 2.59
CA ASP A 384 -26.76 -5.38 1.37
C ASP A 384 -26.82 -3.86 1.15
N ILE A 385 -25.69 -3.18 1.34
CA ILE A 385 -25.70 -1.72 1.39
C ILE A 385 -26.05 -1.10 0.05
N HIS A 386 -25.70 -1.75 -1.04
CA HIS A 386 -25.97 -1.17 -2.32
C HIS A 386 -27.43 -1.27 -2.71
N THR A 387 -28.06 -2.40 -2.38
CA THR A 387 -29.51 -2.57 -2.56
C THR A 387 -30.26 -1.57 -1.73
N LYS A 388 -29.86 -1.42 -0.48
CA LYS A 388 -30.53 -0.49 0.42
C LYS A 388 -30.37 0.97 -0.06
N THR A 389 -29.20 1.32 -0.59
CA THR A 389 -28.98 2.67 -1.12
C THR A 389 -29.87 2.86 -2.37
N ALA A 390 -29.98 1.83 -3.20
CA ALA A 390 -30.89 1.86 -4.37
C ALA A 390 -32.35 2.11 -3.94
N MET A 391 -32.78 1.40 -2.89
CA MET A 391 -34.13 1.50 -2.40
C MET A 391 -34.39 2.91 -1.92
N ASP A 392 -33.43 3.54 -1.27
CA ASP A 392 -33.67 4.87 -0.71
C ASP A 392 -33.59 5.95 -1.77
N ILE A 393 -32.60 5.92 -2.67
CA ILE A 393 -32.50 7.00 -3.61
C ILE A 393 -33.59 6.93 -4.67
N PHE A 394 -34.01 5.72 -5.04
CA PHE A 394 -35.11 5.55 -6.00
C PHE A 394 -36.49 5.46 -5.37
N GLN A 395 -36.57 5.45 -4.04
CA GLN A 395 -37.86 5.36 -3.34
C GLN A 395 -38.69 4.14 -3.78
N VAL A 396 -38.05 2.98 -3.82
CA VAL A 396 -38.68 1.72 -4.17
C VAL A 396 -38.46 0.64 -3.12
N SER A 397 -39.28 -0.41 -3.16
CA SER A 397 -39.11 -1.55 -2.27
C SER A 397 -38.05 -2.48 -2.84
N GLU A 398 -37.59 -3.42 -2.02
CA GLU A 398 -36.50 -4.29 -2.38
C GLU A 398 -36.79 -5.06 -3.67
N ASP A 399 -38.03 -5.55 -3.82
CA ASP A 399 -38.52 -6.22 -5.05
C ASP A 399 -38.34 -5.41 -6.31
N GLU A 400 -38.43 -4.09 -6.18
CA GLU A 400 -38.36 -3.22 -7.34
C GLU A 400 -36.94 -2.75 -7.70
N VAL A 401 -35.90 -3.16 -6.97
CA VAL A 401 -34.54 -2.78 -7.35
C VAL A 401 -34.09 -3.65 -8.51
N THR A 402 -33.94 -3.05 -9.69
CA THR A 402 -33.41 -3.75 -10.85
C THR A 402 -31.86 -3.85 -10.78
N PRO A 403 -31.25 -4.77 -11.55
CA PRO A 403 -29.79 -4.82 -11.57
C PRO A 403 -29.13 -3.47 -11.93
N ASN A 404 -29.68 -2.73 -12.92
CA ASN A 404 -29.12 -1.44 -13.22
C ASN A 404 -29.23 -0.41 -12.09
N MET A 405 -30.34 -0.39 -11.37
CA MET A 405 -30.50 0.42 -10.18
C MET A 405 -29.43 0.13 -9.14
N ARG A 406 -29.18 -1.14 -8.88
CA ARG A 406 -28.17 -1.49 -7.90
C ARG A 406 -26.78 -1.07 -8.35
N ARG A 407 -26.46 -1.27 -9.62
CA ARG A 407 -25.17 -0.88 -10.17
C ARG A 407 -24.95 0.62 -9.99
N GLN A 408 -25.98 1.42 -10.23
CA GLN A 408 -25.87 2.85 -10.08
C GLN A 408 -25.77 3.33 -8.63
N ALA A 409 -26.53 2.72 -7.73
CA ALA A 409 -26.43 3.07 -6.29
C ALA A 409 -25.06 2.70 -5.73
N LYS A 410 -24.50 1.63 -6.26
CA LYS A 410 -23.16 1.20 -5.94
C LYS A 410 -22.12 2.26 -6.36
N ALA A 411 -22.25 2.80 -7.57
CA ALA A 411 -21.33 3.82 -8.04
C ALA A 411 -21.49 5.09 -7.23
N VAL A 412 -22.69 5.38 -6.80
CA VAL A 412 -22.89 6.53 -5.93
C VAL A 412 -22.18 6.30 -4.60
N ASN A 413 -22.21 5.06 -4.09
CA ASN A 413 -21.62 4.79 -2.78
C ASN A 413 -20.13 5.00 -2.83
N LYS A 414 -19.50 4.50 -3.89
CA LYS A 414 -18.08 4.77 -4.15
C LYS A 414 -17.87 6.27 -4.25
N GLY A 415 -18.76 6.95 -4.94
CA GLY A 415 -18.61 8.35 -5.12
C GLY A 415 -18.66 9.15 -3.85
N ILE A 416 -19.57 8.79 -2.96
CA ILE A 416 -19.72 9.48 -1.69
C ILE A 416 -18.44 9.27 -0.88
N VAL A 417 -17.86 8.08 -1.00
CA VAL A 417 -16.67 7.72 -0.23
C VAL A 417 -15.43 8.51 -0.72
N TYR A 418 -15.29 8.63 -2.04
CA TYR A 418 -14.17 9.37 -2.65
C TYR A 418 -14.48 10.86 -2.76
N GLY A 419 -15.56 11.29 -2.10
CA GLY A 419 -15.98 12.68 -2.08
C GLY A 419 -16.25 13.28 -3.43
N ILE A 420 -16.73 12.49 -4.39
CA ILE A 420 -16.81 13.00 -5.77
C ILE A 420 -18.00 13.96 -6.00
N SER A 421 -17.95 14.60 -7.16
CA SER A 421 -18.88 15.66 -7.50
C SER A 421 -19.75 15.26 -8.69
N ASP A 422 -20.86 15.97 -8.82
CA ASP A 422 -21.75 15.79 -9.95
C ASP A 422 -20.97 15.44 -11.23
N TYR A 423 -19.91 16.19 -11.52
CA TYR A 423 -19.08 15.89 -12.69
C TYR A 423 -18.45 14.48 -12.67
N GLY A 424 -17.78 14.11 -11.58
CA GLY A 424 -17.07 12.83 -11.53
C GLY A 424 -17.95 11.59 -11.51
N LEU A 425 -19.13 11.72 -10.91
CA LEU A 425 -20.11 10.63 -10.92
C LEU A 425 -20.68 10.48 -12.36
N ALA A 426 -20.92 11.60 -13.04
CA ALA A 426 -21.41 11.60 -14.42
C ALA A 426 -20.50 10.80 -15.35
N GLN A 427 -19.20 10.97 -15.23
CA GLN A 427 -18.28 10.21 -16.05
C GLN A 427 -18.31 8.76 -15.73
N ASN A 428 -18.39 8.44 -14.45
CA ASN A 428 -18.40 7.02 -14.04
C ASN A 428 -19.64 6.26 -14.49
N LEU A 429 -20.78 6.93 -14.48
CA LEU A 429 -22.06 6.29 -14.80
C LEU A 429 -22.50 6.54 -16.24
N ASN A 430 -21.64 7.24 -16.99
CA ASN A 430 -21.94 7.63 -18.34
C ASN A 430 -23.30 8.36 -18.41
N ILE A 431 -23.43 9.45 -17.66
CA ILE A 431 -24.69 10.24 -17.63
C ILE A 431 -24.45 11.75 -17.61
N SER A 432 -25.52 12.54 -17.63
CA SER A 432 -25.41 13.99 -17.62
C SER A 432 -25.04 14.49 -16.22
N ARG A 433 -24.43 15.65 -16.18
CA ARG A 433 -24.06 16.33 -14.95
C ARG A 433 -25.29 16.65 -14.07
N LYS A 434 -26.38 17.13 -14.66
CA LYS A 434 -27.58 17.39 -13.87
C LYS A 434 -28.15 16.11 -13.27
N GLU A 435 -27.99 15.01 -14.00
CA GLU A 435 -28.51 13.72 -13.52
C GLU A 435 -27.74 13.26 -12.29
N ALA A 436 -26.41 13.26 -12.40
CA ALA A 436 -25.51 13.00 -11.28
C ALA A 436 -25.86 13.85 -10.05
N ALA A 437 -25.95 15.16 -10.24
CA ALA A 437 -26.31 16.06 -9.14
C ALA A 437 -27.66 15.71 -8.50
N GLU A 438 -28.55 15.11 -9.29
CA GLU A 438 -29.83 14.66 -8.74
C GLU A 438 -29.67 13.43 -7.85
N PHE A 439 -28.71 12.57 -8.19
CA PHE A 439 -28.43 11.33 -7.45
C PHE A 439 -27.88 11.68 -6.09
N ILE A 440 -26.81 12.47 -6.14
CA ILE A 440 -26.18 13.02 -4.94
C ILE A 440 -27.19 13.72 -4.04
N GLU A 441 -28.06 14.54 -4.61
CA GLU A 441 -29.09 15.22 -3.83
C GLU A 441 -30.01 14.22 -3.15
N ARG A 442 -30.45 13.20 -3.88
CA ARG A 442 -31.30 12.13 -3.29
C ARG A 442 -30.55 11.33 -2.20
N TYR A 443 -29.28 11.01 -2.47
CA TYR A 443 -28.44 10.34 -1.49
C TYR A 443 -28.45 11.10 -0.16
N PHE A 444 -28.11 12.37 -0.23
CA PHE A 444 -28.02 13.22 0.95
C PHE A 444 -29.38 13.41 1.61
N GLU A 445 -30.47 13.34 0.84
CA GLU A 445 -31.83 13.39 1.45
C GLU A 445 -32.06 12.14 2.30
N SER A 446 -31.51 11.02 1.85
CA SER A 446 -31.66 9.77 2.57
C SER A 446 -30.62 9.61 3.68
N PHE A 447 -29.46 10.25 3.52
CA PHE A 447 -28.38 10.09 4.50
C PHE A 447 -27.92 11.47 4.99
N PRO A 448 -28.79 12.18 5.70
CA PRO A 448 -28.50 13.57 6.01
C PRO A 448 -27.27 13.72 6.92
N GLY A 449 -26.99 12.69 7.70
CA GLY A 449 -25.81 12.62 8.55
C GLY A 449 -24.53 12.62 7.73
N VAL A 450 -24.54 11.93 6.60
CA VAL A 450 -23.39 11.91 5.72
C VAL A 450 -23.18 13.30 5.13
N LYS A 451 -24.25 13.95 4.72
CA LYS A 451 -24.14 15.31 4.21
C LYS A 451 -23.53 16.25 5.24
N ARG A 452 -24.06 16.17 6.44
CA ARG A 452 -23.61 16.95 7.58
C ARG A 452 -22.12 16.72 7.81
N TYR A 453 -21.70 15.46 7.76
CA TYR A 453 -20.28 15.10 7.88
C TYR A 453 -19.42 15.74 6.80
N MET A 454 -19.85 15.65 5.54
CA MET A 454 -19.08 16.16 4.43
C MET A 454 -18.89 17.67 4.59
N GLU A 455 -19.94 18.38 4.99
CA GLU A 455 -19.84 19.81 5.23
C GLU A 455 -18.93 20.12 6.42
N ASN A 456 -19.11 19.36 7.48
CA ASN A 456 -18.39 19.64 8.71
C ASN A 456 -16.91 19.39 8.57
N ILE A 457 -16.53 18.39 7.78
CA ILE A 457 -15.16 17.97 7.70
C ILE A 457 -14.40 18.95 6.82
N VAL A 458 -15.06 19.50 5.80
CA VAL A 458 -14.41 20.48 4.94
C VAL A 458 -14.10 21.77 5.73
N GLN A 459 -15.04 22.20 6.54
CA GLN A 459 -14.85 23.30 7.44
C GLN A 459 -13.76 23.04 8.50
N GLU A 460 -13.68 21.80 8.96
CA GLU A 460 -12.70 21.51 9.98
C GLU A 460 -11.31 21.54 9.34
N ALA A 461 -11.22 21.04 8.12
CA ALA A 461 -9.97 21.08 7.38
C ALA A 461 -9.52 22.53 7.12
N LYS A 462 -10.47 23.41 6.84
CA LYS A 462 -10.14 24.83 6.66
C LYS A 462 -9.71 25.45 7.98
N GLN A 463 -10.44 25.15 9.06
CA GLN A 463 -10.18 25.77 10.37
C GLN A 463 -8.81 25.33 10.93
N LYS A 464 -8.56 24.03 10.94
CA LYS A 464 -7.39 23.45 11.60
C LYS A 464 -6.19 23.36 10.68
N GLY A 465 -6.42 23.25 9.38
CA GLY A 465 -5.32 23.05 8.44
C GLY A 465 -5.13 21.59 8.02
N TYR A 466 -5.84 20.68 8.68
CA TYR A 466 -5.67 19.26 8.45
C TYR A 466 -6.92 18.48 8.88
N VAL A 467 -6.98 17.22 8.48
CA VAL A 467 -7.99 16.27 8.95
C VAL A 467 -7.28 15.11 9.63
N THR A 468 -8.00 14.39 10.46
CA THR A 468 -7.41 13.27 11.15
C THR A 468 -8.23 12.01 11.05
N THR A 469 -7.58 10.89 11.36
CA THR A 469 -8.24 9.59 11.41
C THR A 469 -8.54 9.16 12.82
N LEU A 470 -9.27 8.06 12.93
CA LEU A 470 -9.65 7.45 14.21
C LEU A 470 -8.51 7.33 15.20
N LEU A 471 -7.35 6.91 14.72
CA LEU A 471 -6.20 6.71 15.56
C LEU A 471 -5.17 7.86 15.45
N HIS A 472 -5.64 9.04 15.03
CA HIS A 472 -4.90 10.34 15.12
C HIS A 472 -3.83 10.49 14.06
N ARG A 473 -3.90 9.73 12.98
CA ARG A 473 -3.15 10.02 11.79
C ARG A 473 -3.61 11.39 11.22
N ARG A 474 -2.76 12.05 10.46
CA ARG A 474 -3.02 13.43 10.09
C ARG A 474 -2.71 13.64 8.61
N ARG A 475 -3.51 14.46 7.93
CA ARG A 475 -3.17 14.90 6.60
C ARG A 475 -3.43 16.41 6.49
N TYR A 476 -2.39 17.15 6.07
CA TYR A 476 -2.46 18.60 5.92
C TYR A 476 -3.06 18.91 4.56
N LEU A 477 -4.01 19.83 4.50
CA LEU A 477 -4.66 20.14 3.24
C LEU A 477 -4.60 21.63 2.97
N PRO A 478 -3.40 22.15 2.62
CA PRO A 478 -3.30 23.62 2.43
C PRO A 478 -4.05 24.11 1.20
N ASP A 479 -4.31 23.24 0.21
CA ASP A 479 -5.14 23.66 -0.96
C ASP A 479 -6.63 23.88 -0.62
N ILE A 480 -7.03 23.55 0.58
CA ILE A 480 -8.40 23.79 0.94
C ILE A 480 -8.80 25.28 0.85
N THR A 481 -7.86 26.21 0.91
CA THR A 481 -8.20 27.65 0.87
C THR A 481 -7.84 28.29 -0.46
N SER A 482 -7.47 27.48 -1.44
CA SER A 482 -7.14 27.96 -2.76
C SER A 482 -8.34 28.67 -3.40
N ARG A 483 -8.04 29.66 -4.22
CA ARG A 483 -9.08 30.41 -4.93
C ARG A 483 -9.33 29.80 -6.28
N ASN A 484 -8.55 28.78 -6.64
CA ASN A 484 -8.77 28.02 -7.86
C ASN A 484 -9.70 26.80 -7.61
N PHE A 485 -10.85 26.81 -8.30
CA PHE A 485 -11.91 25.85 -8.09
C PHE A 485 -11.45 24.40 -8.11
N ASN A 486 -10.72 24.01 -9.16
CA ASN A 486 -10.27 22.61 -9.32
C ASN A 486 -9.33 22.16 -8.19
N VAL A 487 -8.35 23.00 -7.87
CA VAL A 487 -7.38 22.72 -6.80
C VAL A 487 -8.11 22.66 -5.46
N ARG A 488 -8.98 23.64 -5.19
CA ARG A 488 -9.76 23.65 -3.96
C ARG A 488 -10.69 22.45 -3.84
N SER A 489 -11.36 22.10 -4.93
CA SER A 489 -12.32 21.02 -4.94
C SER A 489 -11.65 19.66 -4.65
N PHE A 490 -10.48 19.42 -5.22
CA PHE A 490 -9.68 18.23 -4.93
C PHE A 490 -9.32 18.13 -3.46
N ALA A 491 -8.83 19.23 -2.88
CA ALA A 491 -8.55 19.28 -1.45
C ALA A 491 -9.81 18.96 -0.65
N GLU A 492 -10.96 19.45 -1.09
CA GLU A 492 -12.19 19.14 -0.33
C GLU A 492 -12.54 17.64 -0.39
N ARG A 493 -12.27 17.00 -1.52
CA ARG A 493 -12.54 15.56 -1.68
C ARG A 493 -11.65 14.77 -0.72
N MET A 494 -10.38 15.16 -0.69
CA MET A 494 -9.40 14.64 0.25
C MET A 494 -9.85 14.84 1.70
N ALA A 495 -10.41 15.98 2.03
CA ALA A 495 -10.88 16.20 3.40
C ALA A 495 -11.98 15.19 3.76
N MET A 496 -12.79 14.87 2.77
CA MET A 496 -13.94 14.02 2.95
C MET A 496 -13.51 12.54 3.03
N ASN A 497 -12.67 12.12 2.08
CA ASN A 497 -12.20 10.75 1.97
C ASN A 497 -11.12 10.31 3.00
N THR A 498 -10.21 11.21 3.37
CA THR A 498 -9.04 10.81 4.12
C THR A 498 -9.38 10.18 5.48
N PRO A 499 -10.30 10.77 6.27
CA PRO A 499 -10.65 10.11 7.55
C PRO A 499 -11.30 8.71 7.37
N ILE A 500 -11.88 8.46 6.20
CA ILE A 500 -12.53 7.20 5.91
C ILE A 500 -11.44 6.16 5.52
N GLN A 501 -10.73 6.43 4.43
CA GLN A 501 -9.67 5.55 3.95
C GLN A 501 -8.58 5.38 5.02
N GLY A 502 -8.17 6.48 5.66
CA GLY A 502 -7.15 6.44 6.66
C GLY A 502 -7.58 5.73 7.93
N SER A 503 -8.81 5.94 8.40
CA SER A 503 -9.29 5.20 9.56
C SER A 503 -9.41 3.70 9.26
N ALA A 504 -9.81 3.37 8.04
CA ALA A 504 -9.83 1.96 7.64
C ALA A 504 -8.42 1.33 7.73
N ALA A 505 -7.43 2.09 7.25
CA ALA A 505 -6.04 1.69 7.29
C ALA A 505 -5.59 1.55 8.71
N ASP A 506 -5.97 2.49 9.58
CA ASP A 506 -5.65 2.37 11.01
C ASP A 506 -6.20 1.02 11.57
N ILE A 507 -7.46 0.72 11.29
CA ILE A 507 -8.09 -0.48 11.86
C ILE A 507 -7.41 -1.77 11.42
N ILE A 508 -7.13 -1.88 10.14
CA ILE A 508 -6.51 -3.12 9.69
C ILE A 508 -5.07 -3.29 10.22
N LYS A 509 -4.32 -2.19 10.36
CA LYS A 509 -3.01 -2.21 11.04
C LYS A 509 -3.06 -2.70 12.47
N LYS A 510 -4.05 -2.23 13.20
CA LYS A 510 -4.24 -2.66 14.55
C LYS A 510 -4.66 -4.17 14.63
N ALA A 511 -5.47 -4.62 13.66
CA ALA A 511 -5.80 -6.03 13.54
C ALA A 511 -4.55 -6.87 13.33
N MET A 512 -3.65 -6.39 12.48
CA MET A 512 -2.44 -7.16 12.18
C MET A 512 -1.63 -7.32 13.45
N ILE A 513 -1.49 -6.25 14.24
CA ILE A 513 -0.79 -6.31 15.50
C ILE A 513 -1.50 -7.27 16.44
N ASP A 514 -2.80 -7.11 16.60
CA ASP A 514 -3.52 -7.97 17.53
C ASP A 514 -3.44 -9.43 17.10
N LEU A 515 -3.48 -9.67 15.81
CA LEU A 515 -3.42 -11.04 15.30
C LEU A 515 -2.08 -11.73 15.54
N ASN A 516 -1.01 -11.01 15.27
CA ASN A 516 0.33 -11.50 15.50
C ASN A 516 0.48 -11.90 17.00
N ALA A 517 -0.04 -11.09 17.91
CA ALA A 517 0.05 -11.43 19.33
C ALA A 517 -0.80 -12.69 19.62
N ARG A 518 -1.97 -12.82 19.00
CA ARG A 518 -2.82 -13.98 19.28
C ARG A 518 -2.24 -15.25 18.72
N LEU A 519 -1.70 -15.19 17.52
CA LEU A 519 -1.10 -16.36 16.89
C LEU A 519 0.00 -16.90 17.76
N LYS A 520 0.76 -16.01 18.36
CA LYS A 520 1.86 -16.39 19.25
C LYS A 520 1.40 -17.01 20.55
N GLU A 521 0.49 -16.32 21.20
CA GLU A 521 -0.16 -16.82 22.39
C GLU A 521 -0.71 -18.24 22.23
N GLU A 522 -1.33 -18.51 21.07
CA GLU A 522 -1.90 -19.83 20.77
C GLU A 522 -0.85 -20.80 20.27
N ARG A 523 0.37 -20.34 20.06
CA ARG A 523 1.42 -21.17 19.49
C ARG A 523 0.98 -21.81 18.17
N LEU A 524 0.30 -21.05 17.31
CA LEU A 524 -0.03 -21.56 15.99
C LEU A 524 1.17 -21.35 15.10
N GLN A 525 1.35 -22.20 14.08
CA GLN A 525 2.37 -22.00 13.07
C GLN A 525 1.90 -21.17 11.87
N ALA A 526 0.63 -20.78 11.88
CA ALA A 526 0.02 -19.93 10.87
C ALA A 526 0.84 -18.66 10.72
N ARG A 527 1.09 -18.22 9.49
CA ARG A 527 1.71 -16.89 9.33
C ARG A 527 1.10 -15.95 8.31
N LEU A 528 1.12 -14.68 8.71
CA LEU A 528 0.77 -13.57 7.86
C LEU A 528 1.72 -13.50 6.72
N LEU A 529 1.17 -13.48 5.50
CA LEU A 529 1.94 -13.33 4.29
C LEU A 529 1.74 -11.95 3.66
N LEU A 530 0.47 -11.51 3.61
CA LEU A 530 0.09 -10.32 2.87
C LEU A 530 -1.02 -9.51 3.51
N GLN A 531 -0.97 -8.21 3.25
CA GLN A 531 -2.10 -7.32 3.51
C GLN A 531 -2.46 -6.67 2.18
N VAL A 532 -3.75 -6.56 1.93
CA VAL A 532 -4.25 -5.91 0.73
C VAL A 532 -5.36 -4.92 1.09
N HIS A 533 -4.97 -3.89 1.80
CA HIS A 533 -5.82 -2.76 2.25
C HIS A 533 -6.97 -3.10 3.21
N ASP A 534 -7.81 -4.07 2.85
CA ASP A 534 -8.88 -4.49 3.75
C ASP A 534 -8.92 -5.97 3.97
N GLU A 535 -7.82 -6.64 3.61
CA GLU A 535 -7.76 -8.04 3.77
C GLU A 535 -6.37 -8.56 4.17
N LEU A 536 -6.40 -9.66 4.91
CA LEU A 536 -5.22 -10.34 5.37
C LEU A 536 -5.18 -11.74 4.79
N ILE A 537 -4.03 -12.10 4.26
CA ILE A 537 -3.79 -13.40 3.68
C ILE A 537 -2.71 -14.09 4.50
N LEU A 538 -3.01 -15.33 4.88
CA LEU A 538 -2.15 -16.17 5.71
C LEU A 538 -1.95 -17.54 5.09
N GLU A 539 -0.92 -18.24 5.55
CA GLU A 539 -0.77 -19.68 5.21
C GLU A 539 -0.62 -20.42 6.53
N ALA A 540 -1.18 -21.62 6.58
CA ALA A 540 -1.07 -22.45 7.75
C ALA A 540 -1.29 -23.92 7.44
N PRO A 541 -0.92 -24.79 8.37
CA PRO A 541 -1.19 -26.22 8.25
C PRO A 541 -2.67 -26.45 8.14
N LYS A 542 -3.07 -27.43 7.33
CA LYS A 542 -4.48 -27.80 7.24
C LYS A 542 -5.10 -27.99 8.61
N GLU A 543 -4.35 -28.53 9.55
CA GLU A 543 -4.84 -28.79 10.89
C GLU A 543 -5.17 -27.55 11.70
N GLU A 544 -4.78 -26.37 11.21
CA GLU A 544 -5.09 -25.14 11.92
C GLU A 544 -6.26 -24.38 11.30
N MET A 545 -6.77 -24.83 10.18
CA MET A 545 -7.82 -24.06 9.49
C MET A 545 -9.05 -23.79 10.35
N GLU A 546 -9.52 -24.79 11.08
CA GLU A 546 -10.74 -24.63 11.90
C GLU A 546 -10.53 -23.62 12.99
N ARG A 547 -9.37 -23.66 13.64
CA ARG A 547 -9.11 -22.58 14.60
C ARG A 547 -9.00 -21.20 13.95
N LEU A 548 -8.36 -21.09 12.80
CA LEU A 548 -8.20 -19.78 12.11
C LEU A 548 -9.55 -19.17 11.71
N CYS A 549 -10.48 -20.05 11.32
CA CYS A 549 -11.86 -19.67 11.00
C CYS A 549 -12.55 -18.91 12.12
N ARG A 550 -12.23 -19.25 13.34
CA ARG A 550 -12.78 -18.56 14.47
C ARG A 550 -11.90 -17.41 14.87
N LEU A 551 -10.62 -17.67 15.00
CA LEU A 551 -9.69 -16.68 15.48
C LEU A 551 -9.45 -15.42 14.62
N VAL A 552 -9.22 -15.59 13.32
CA VAL A 552 -8.85 -14.45 12.49
C VAL A 552 -10.00 -13.41 12.36
N PRO A 553 -11.24 -13.81 12.01
CA PRO A 553 -12.31 -12.83 11.91
C PRO A 553 -12.60 -12.14 13.22
N GLU A 554 -12.56 -12.88 14.32
CA GLU A 554 -12.81 -12.27 15.62
C GLU A 554 -11.75 -11.19 15.96
N VAL A 555 -10.48 -11.47 15.73
CA VAL A 555 -9.47 -10.45 16.00
C VAL A 555 -9.67 -9.22 15.12
N MET A 556 -9.95 -9.45 13.83
CA MET A 556 -10.15 -8.35 12.91
C MET A 556 -11.39 -7.54 13.26
N GLU A 557 -12.44 -8.21 13.74
CA GLU A 557 -13.69 -7.53 14.10
C GLU A 557 -13.59 -6.78 15.39
N GLN A 558 -12.71 -7.20 16.28
CA GLN A 558 -12.63 -6.62 17.60
C GLN A 558 -11.52 -5.61 17.70
N ALA A 559 -10.79 -5.41 16.61
CA ALA A 559 -9.67 -4.47 16.55
C ALA A 559 -10.02 -3.08 17.15
N VAL A 560 -11.18 -2.54 16.77
CA VAL A 560 -11.73 -1.33 17.40
C VAL A 560 -13.22 -1.56 17.58
N THR A 561 -13.86 -0.82 18.48
CA THR A 561 -15.30 -0.81 18.61
C THR A 561 -15.84 0.47 17.99
N LEU A 562 -16.66 0.32 16.94
CA LEU A 562 -17.32 1.43 16.27
C LEU A 562 -18.80 1.38 16.67
N ARG A 563 -19.55 2.38 16.25
CA ARG A 563 -20.98 2.47 16.50
C ARG A 563 -21.77 1.38 15.78
N VAL A 564 -21.19 0.82 14.74
CA VAL A 564 -21.72 -0.28 13.98
C VAL A 564 -20.75 -1.47 14.08
N PRO A 565 -21.24 -2.69 13.87
CA PRO A 565 -20.34 -3.84 13.92
C PRO A 565 -19.41 -3.84 12.75
N LEU A 566 -18.27 -4.47 12.91
CA LEU A 566 -17.39 -4.79 11.80
C LEU A 566 -17.70 -6.22 11.38
N LYS A 567 -17.60 -6.50 10.09
CA LYS A 567 -17.85 -7.82 9.60
C LYS A 567 -16.71 -8.29 8.73
N VAL A 568 -16.26 -9.53 8.99
CA VAL A 568 -15.16 -10.11 8.26
C VAL A 568 -15.60 -11.44 7.63
N ASP A 569 -15.33 -11.60 6.34
CA ASP A 569 -15.59 -12.86 5.65
C ASP A 569 -14.25 -13.55 5.42
N TYR A 570 -14.28 -14.87 5.29
CA TYR A 570 -13.06 -15.63 5.15
C TYR A 570 -13.28 -16.85 4.30
N HIS A 571 -12.20 -17.32 3.71
CA HIS A 571 -12.17 -18.49 2.88
C HIS A 571 -10.75 -19.06 2.95
N TYR A 572 -10.61 -20.30 2.54
CA TYR A 572 -9.31 -20.91 2.47
C TYR A 572 -9.32 -21.95 1.39
N GLY A 573 -8.15 -22.38 0.98
CA GLY A 573 -8.06 -23.36 -0.08
C GLY A 573 -6.62 -23.66 -0.42
N SER A 574 -6.41 -24.46 -1.45
CA SER A 574 -5.07 -24.93 -1.85
C SER A 574 -4.19 -23.87 -2.48
N THR A 575 -4.79 -22.85 -3.05
CA THR A 575 -4.08 -21.75 -3.68
C THR A 575 -4.81 -20.45 -3.31
N TRP A 576 -4.17 -19.31 -3.53
CA TRP A 576 -4.84 -18.02 -3.30
C TRP A 576 -6.16 -17.92 -4.08
N TYR A 577 -6.15 -18.40 -5.32
CA TYR A 577 -7.34 -18.46 -6.15
C TYR A 577 -8.50 -19.15 -5.46
N ASP A 578 -8.21 -20.32 -4.87
CA ASP A 578 -9.23 -21.14 -4.19
C ASP A 578 -9.67 -20.55 -2.88
N ALA A 579 -8.90 -19.62 -2.33
CA ALA A 579 -9.29 -18.97 -1.09
C ALA A 579 -10.29 -17.88 -1.39
N LYS A 580 -11.42 -18.32 -1.91
CA LYS A 580 -12.53 -17.46 -2.24
C LYS A 580 -13.79 -18.16 -1.78
#